data_9C6H
#
_entry.id   9C6H
#
_cell.length_a   107.520
_cell.length_b   107.520
_cell.length_c   88.789
_cell.angle_alpha   90.000
_cell.angle_beta   90.000
_cell.angle_gamma   120.000
#
_symmetry.space_group_name_H-M   'H 3'
#
loop_
_entity.id
_entity.type
_entity.pdbx_description
1 polymer "DNA (5'-D(*GP*AP*GP*CP*AP*GP*CP*CP*TP*GP*TP*A)-3')"
2 polymer "DNA (5'-D(P*(7DA)P*CP*(7DA)P*CP*CP*(7GU)P*T)-3')"
3 polymer "DNA (5'-D(*TP*CP*TP*GP*AP*TP*GP*TP*GP*GP*CP*TP*GP*C)-3')"
4 polymer "DNA (5'-D(P*CP*GP*GP*AP*CP*AP*TP*CP*A)-3')"
#
loop_
_entity_poly.entity_id
_entity_poly.type
_entity_poly.pdbx_seq_one_letter_code
_entity_poly.pdbx_strand_id
1 'polydeoxyribonucleotide' (DG)(DA)(DG)(DC)(DA)(DG)(DC)(DC)(DT)(DG)(DT)(DA) A
2 'polydeoxyribonucleotide' (7DA)(DC)(7DA)(DC)(DC)(7GU)(DT) B
3 'polydeoxyribonucleotide' (DT)(DC)(DT)(DG)(DA)(DT)(DG)(DT)(DG)(DG)(DC)(DT)(DG)(DC) C
4 'polydeoxyribonucleotide' (DC)(DG)(DG)(DA)(DC)(DA)(DT)(DC)(DA) D
#
loop_
_chem_comp.id
_chem_comp.type
_chem_comp.name
_chem_comp.formula
7DA DNA linking 7-DEAZA-2'-DEOXYADENOSINE-5'-MONOPHOSPHATE 'C11 H15 N4 O6 P'
7GU DNA linking 7-DEAZA-2'-DEOXYGUANOSINE-5'-MONOPHOSPHATE 'C11 H15 N4 O7 P'
DA DNA linking 2'-DEOXYADENOSINE-5'-MONOPHOSPHATE 'C10 H14 N5 O6 P'
DC DNA linking 2'-DEOXYCYTIDINE-5'-MONOPHOSPHATE 'C9 H14 N3 O7 P'
DG DNA linking 2'-DEOXYGUANOSINE-5'-MONOPHOSPHATE 'C10 H14 N5 O7 P'
DT DNA linking THYMIDINE-5'-MONOPHOSPHATE 'C10 H15 N2 O8 P'
#
# COMPACT_ATOMS: atom_id res chain seq x y z
P 7DA B 1 -6.09 5.52 12.24
OP1 7DA B 1 -5.83 6.74 12.99
OP2 7DA B 1 -6.25 5.86 10.77
O5' 7DA B 1 -4.80 4.49 12.44
N9 7DA B 1 -5.19 1.50 9.80
C4 7DA B 1 -5.04 0.31 9.11
N3 7DA B 1 -4.03 -0.24 8.42
C2 7DA B 1 -4.19 -1.46 7.82
N1 7DA B 1 -5.38 -2.12 7.90
C6 7DA B 1 -6.38 -1.56 8.58
N6 7DA B 1 -7.48 -2.50 8.46
C5 7DA B 1 -6.23 -0.34 9.17
C7 7DA B 1 -7.09 0.41 9.90
C8 7DA B 1 -6.43 1.55 10.27
C2' 7DA B 1 -4.47 3.62 9.44
C5' 7DA B 1 -3.50 4.96 12.22
C4' 7DA B 1 -2.90 4.18 11.12
O4' 7DA B 1 -3.42 2.67 11.23
C1' 7DA B 1 -4.03 2.38 9.83
C3' 7DA B 1 -3.34 4.67 9.93
O3' 7DA B 1 -2.29 4.75 8.96
P 7DA B 3 0.48 2.28 1.96
OP1 7DA B 3 1.78 1.73 1.65
OP2 7DA B 3 0.39 3.74 1.61
O5' 7DA B 3 -0.75 1.42 1.21
N9 7DA B 3 -4.35 0.08 0.39
C4 7DA B 3 -5.62 -0.46 0.46
N3 7DA B 3 -6.28 -1.30 -0.32
C2 7DA B 3 -7.55 -1.67 0.01
N1 7DA B 3 -8.16 -1.17 1.13
C6 7DA B 3 -7.50 -0.32 1.91
N6 7DA B 3 -8.43 -0.02 2.98
C5 7DA B 3 -6.21 0.03 1.58
C7 7DA B 3 -5.34 0.87 2.18
C8 7DA B 3 -4.17 0.88 1.45
C2' 7DA B 3 -2.86 0.67 -1.33
C5' 7DA B 3 -0.79 0.02 1.20
C4' 7DA B 3 -1.09 -0.53 -0.15
O4' 7DA B 3 -2.46 -1.34 -0.18
C1' 7DA B 3 -3.55 -0.37 -0.73
C3' 7DA B 3 -1.26 0.44 -1.09
O3' 7DA B 3 -0.54 0.25 -2.33
P 7GU B 6 5.60 -1.26 -12.77
OP1 7GU B 6 5.08 0.12 -13.05
OP2 7GU B 6 4.90 -2.28 -13.63
O5' 7GU B 6 7.23 -1.32 -12.99
N9 7GU B 6 8.49 -3.16 -10.21
C4 7GU B 6 8.53 -2.95 -8.86
N3 7GU B 6 9.52 -2.31 -7.96
C2 7GU B 6 9.26 -2.24 -6.53
N2 7GU B 6 10.19 -1.63 -5.60
N1 7GU B 6 8.04 -2.79 -5.98
C6 7GU B 6 7.09 -3.42 -6.84
O6 7GU B 6 6.10 -3.86 -6.36
C5 7GU B 6 7.37 -3.48 -8.34
C7 7GU B 6 6.64 -4.01 -9.36
C8 7GU B 6 7.34 -3.80 -10.53
C2' 7GU B 6 9.92 -3.11 -12.24
C5' 7GU B 6 8.04 -0.45 -12.27
C4' 7GU B 6 9.37 -0.86 -12.18
O4' 7GU B 6 9.69 -1.28 -10.71
C1' 7GU B 6 9.71 -2.60 -10.71
C3' 7GU B 6 9.68 -2.10 -13.07
O3' 7GU B 6 10.83 -1.81 -13.98
#